data_7VPB
#
_entry.id   7VPB
#
_cell.length_a   71.607
_cell.length_b   71.607
_cell.length_c   87.327
_cell.angle_alpha   90.000
_cell.angle_beta   90.000
_cell.angle_gamma   120.000
#
_symmetry.space_group_name_H-M   'P 32'
#
loop_
_entity.id
_entity.type
_entity.pdbx_description
1 polymer 'plastic degrading hydrolase Ple629'
2 non-polymer 'ACETATE ION'
3 non-polymer '4-(2-hydroxyethylcarbamoyl)benzoic acid'
4 water water
#
_entity_poly.entity_id   1
_entity_poly.type   'polypeptide(L)'
_entity_poly.pdbx_seq_one_letter_code
;MGGGGSGGGNNGGGGGCEADCGYERGPDPSVSLLEASTGPFSVRTSNVSSSVRGFGGGTIHYPTNTTGTMAAIVVIPGFV
SPESSIAWWGPKLASHGFVVMTIGTNSGFDQPASRASQLNNALDYLIEQNGSSRSPINGMIDTDRLGVMGWSMGGGGTLR
VATEGRVSAAIPLAPWDSSSSQFRSIDTPTLIFACENDSTAPVRSHADPFYDAIPDSTAKAFVELDGGGHTCANGSSGFG
GSYNDVLSRLGVSWMKLHLDKDQRYNQFVCGPNHESDRSISEYRGTCPYLE
;
_entity_poly.pdbx_strand_id   A,B
#
# COMPACT_ATOMS: atom_id res chain seq x y z
N ASP A 20 -0.57 40.24 -9.01
CA ASP A 20 -1.16 40.95 -10.16
C ASP A 20 -2.63 40.56 -10.25
N CYS A 21 -2.94 39.31 -9.90
CA CYS A 21 -4.33 38.79 -10.03
C CYS A 21 -5.12 39.15 -8.77
N GLY A 22 -4.42 39.52 -7.71
CA GLY A 22 -5.09 39.96 -6.48
C GLY A 22 -5.59 38.83 -5.63
N TYR A 23 -5.06 37.62 -5.85
CA TYR A 23 -5.50 36.44 -5.09
C TYR A 23 -4.64 36.23 -3.85
N GLU A 24 -3.63 37.09 -3.69
CA GLU A 24 -2.69 36.89 -2.56
C GLU A 24 -3.43 37.01 -1.25
N ARG A 25 -3.10 36.12 -0.35
CA ARG A 25 -3.71 36.09 0.95
C ARG A 25 -2.62 35.84 1.96
N GLY A 26 -2.76 36.46 3.12
CA GLY A 26 -1.89 36.16 4.23
C GLY A 26 -0.61 36.95 4.11
N PRO A 27 0.25 36.79 5.11
CA PRO A 27 1.44 37.63 5.18
C PRO A 27 2.48 37.17 4.16
N ASP A 28 3.39 38.06 3.89
CA ASP A 28 4.56 37.68 3.12
C ASP A 28 5.20 36.47 3.79
N PRO A 29 5.31 35.34 3.10
CA PRO A 29 5.64 34.10 3.77
C PRO A 29 7.12 34.00 4.13
N SER A 30 7.38 33.02 4.98
CA SER A 30 8.70 32.64 5.42
C SER A 30 8.70 31.12 5.48
N VAL A 31 9.89 30.55 5.49
CA VAL A 31 9.97 29.11 5.75
C VAL A 31 9.26 28.79 7.04
N SER A 32 9.46 29.60 8.09
CA SER A 32 8.86 29.34 9.38
C SER A 32 7.35 29.26 9.29
N LEU A 33 6.76 30.22 8.57
CA LEU A 33 5.32 30.17 8.29
C LEU A 33 4.94 28.88 7.58
N LEU A 34 5.71 28.51 6.55
CA LEU A 34 5.36 27.36 5.74
C LEU A 34 5.47 26.07 6.54
N GLU A 35 6.43 25.99 7.44
CA GLU A 35 6.67 24.78 8.19
C GLU A 35 5.95 24.78 9.53
N ALA A 36 5.21 25.83 9.82
CA ALA A 36 4.40 25.87 11.03
C ALA A 36 3.40 24.72 11.02
N SER A 37 2.97 24.32 12.23
CA SER A 37 2.00 23.23 12.33
C SER A 37 0.76 23.53 11.51
N THR A 38 0.34 24.78 11.53
CA THR A 38 -0.77 25.26 10.73
C THR A 38 -0.40 26.58 10.11
N GLY A 39 -1.12 26.92 9.06
CA GLY A 39 -0.96 28.19 8.41
C GLY A 39 -1.60 29.28 9.23
N PRO A 40 -1.63 30.49 8.67
CA PRO A 40 -2.12 31.66 9.42
C PRO A 40 -3.58 31.60 9.78
N PHE A 41 -4.34 30.68 9.21
CA PHE A 41 -5.79 30.71 9.37
C PHE A 41 -6.29 29.52 10.16
N SER A 42 -7.25 29.80 11.04
CA SER A 42 -7.96 28.75 11.74
C SER A 42 -8.81 28.01 10.72
N VAL A 43 -9.00 26.73 10.95
CA VAL A 43 -9.71 25.91 9.99
C VAL A 43 -10.90 25.27 10.66
N ARG A 44 -11.90 25.06 9.83
CA ARG A 44 -13.06 24.29 10.28
C ARG A 44 -13.23 23.20 9.24
N THR A 45 -14.08 22.25 9.54
CA THR A 45 -14.35 21.13 8.67
C THR A 45 -15.83 21.05 8.46
N SER A 46 -16.21 20.61 7.28
CA SER A 46 -17.60 20.39 6.97
C SER A 46 -17.68 19.04 6.31
N ASN A 47 -18.60 18.23 6.78
CA ASN A 47 -18.64 16.86 6.32
C ASN A 47 -19.31 16.78 4.96
N VAL A 48 -18.80 15.87 4.15
CA VAL A 48 -19.46 15.49 2.92
C VAL A 48 -19.75 14.01 3.08
N SER A 49 -21.04 13.68 3.16
CA SER A 49 -21.43 12.30 3.28
C SER A 49 -20.95 11.50 2.09
N SER A 50 -20.69 10.22 2.31
CA SER A 50 -20.34 9.39 1.18
C SER A 50 -21.51 9.24 0.22
N SER A 51 -22.72 9.65 0.62
CA SER A 51 -23.81 9.69 -0.33
C SER A 51 -23.61 10.72 -1.41
N VAL A 52 -22.57 11.57 -1.29
CA VAL A 52 -22.33 12.56 -2.31
C VAL A 52 -22.17 11.89 -3.66
N ARG A 53 -22.71 12.50 -4.68
CA ARG A 53 -22.57 11.95 -6.01
C ARG A 53 -21.15 12.12 -6.49
N GLY A 54 -20.60 11.05 -7.06
CA GLY A 54 -19.40 11.17 -7.85
C GLY A 54 -18.13 10.90 -7.11
N PHE A 55 -18.18 10.69 -5.80
CA PHE A 55 -17.01 10.28 -5.02
C PHE A 55 -17.53 9.78 -3.68
N GLY A 56 -16.62 9.47 -2.77
CA GLY A 56 -16.99 8.68 -1.63
C GLY A 56 -17.11 9.52 -0.38
N GLY A 57 -17.47 10.78 -0.56
CA GLY A 57 -17.59 11.69 0.55
C GLY A 57 -16.26 12.30 0.89
N GLY A 58 -16.26 13.09 1.95
CA GLY A 58 -15.01 13.69 2.36
C GLY A 58 -15.23 14.75 3.39
N THR A 59 -14.21 15.57 3.55
CA THR A 59 -14.22 16.61 4.56
C THR A 59 -13.79 17.87 3.86
N ILE A 60 -14.62 18.89 3.94
CA ILE A 60 -14.22 20.19 3.42
C ILE A 60 -13.53 20.91 4.56
N HIS A 61 -12.28 21.26 4.33
CA HIS A 61 -11.49 22.05 5.27
C HIS A 61 -11.47 23.47 4.75
N TYR A 62 -11.74 24.42 5.62
CA TYR A 62 -11.73 25.77 5.12
C TYR A 62 -11.28 26.67 6.23
N PRO A 63 -10.62 27.77 5.89
CA PRO A 63 -10.21 28.73 6.91
C PRO A 63 -11.39 29.59 7.30
N THR A 64 -11.38 29.99 8.56
CA THR A 64 -12.53 30.69 9.13
C THR A 64 -12.30 32.18 9.31
N ASN A 65 -11.06 32.64 9.38
CA ASN A 65 -10.78 34.05 9.59
C ASN A 65 -10.06 34.62 8.38
N THR A 66 -10.48 34.20 7.20
CA THR A 66 -10.01 34.76 5.94
C THR A 66 -11.02 35.75 5.39
N THR A 67 -10.54 36.56 4.46
CA THR A 67 -11.41 37.35 3.62
C THR A 67 -11.11 37.02 2.17
N GLY A 68 -12.09 37.27 1.33
CA GLY A 68 -11.95 37.03 -0.08
C GLY A 68 -12.16 35.58 -0.43
N THR A 69 -12.21 35.32 -1.72
CA THR A 69 -12.38 33.96 -2.17
C THR A 69 -11.02 33.29 -2.30
N MET A 70 -11.06 31.97 -2.33
CA MET A 70 -9.81 31.25 -2.38
C MET A 70 -9.95 30.09 -3.33
N ALA A 71 -8.79 29.56 -3.70
CA ALA A 71 -8.76 28.40 -4.56
C ALA A 71 -9.27 27.19 -3.78
N ALA A 72 -9.80 26.23 -4.51
CA ALA A 72 -10.30 25.00 -3.94
C ALA A 72 -9.37 23.87 -4.35
N ILE A 73 -9.12 22.97 -3.40
CA ILE A 73 -8.24 21.84 -3.62
C ILE A 73 -8.98 20.59 -3.20
N VAL A 74 -8.88 19.56 -4.02
CA VAL A 74 -9.39 18.25 -3.66
C VAL A 74 -8.20 17.33 -3.51
N VAL A 75 -8.20 16.56 -2.43
CA VAL A 75 -7.13 15.62 -2.13
C VAL A 75 -7.75 14.24 -2.12
N ILE A 76 -7.24 13.38 -2.99
CA ILE A 76 -7.86 12.05 -3.17
C ILE A 76 -6.87 10.96 -2.79
N PRO A 77 -7.38 9.92 -2.14
CA PRO A 77 -6.54 8.81 -1.75
C PRO A 77 -6.22 7.77 -2.84
N GLY A 78 -5.40 6.78 -2.47
CA GLY A 78 -5.00 5.71 -3.39
C GLY A 78 -5.83 4.46 -3.22
N PHE A 79 -5.32 3.39 -3.81
CA PHE A 79 -6.11 2.14 -3.80
C PHE A 79 -6.55 1.71 -2.40
N VAL A 80 -7.82 1.32 -2.30
CA VAL A 80 -8.42 0.83 -1.03
C VAL A 80 -7.97 1.67 0.16
N SER A 81 -7.72 2.94 -0.09
CA SER A 81 -7.30 3.83 1.00
C SER A 81 -8.43 4.82 1.30
N PRO A 82 -8.72 5.04 2.58
CA PRO A 82 -9.74 5.97 2.95
C PRO A 82 -9.20 7.41 2.89
N GLU A 83 -10.10 8.38 3.05
CA GLU A 83 -9.68 9.80 3.07
C GLU A 83 -8.59 10.00 4.11
N SER A 84 -8.72 9.28 5.22
CA SER A 84 -7.77 9.43 6.35
C SER A 84 -6.33 9.37 5.85
N SER A 85 -6.10 8.64 4.78
CA SER A 85 -4.73 8.42 4.28
C SER A 85 -4.10 9.75 3.86
N ILE A 86 -4.91 10.69 3.42
CA ILE A 86 -4.35 11.96 2.87
C ILE A 86 -4.95 13.15 3.63
N ALA A 87 -5.64 12.86 4.73
CA ALA A 87 -6.40 13.92 5.43
C ALA A 87 -5.49 15.02 5.98
N TRP A 88 -4.24 14.68 6.24
CA TRP A 88 -3.31 15.68 6.81
C TRP A 88 -3.30 16.93 5.93
N TRP A 89 -3.44 16.75 4.64
CA TRP A 89 -3.34 17.88 3.68
C TRP A 89 -4.52 18.84 3.80
N GLY A 90 -5.61 18.36 4.36
CA GLY A 90 -6.79 19.22 4.43
C GLY A 90 -6.53 20.42 5.31
N PRO A 91 -6.33 20.19 6.62
CA PRO A 91 -6.11 21.28 7.52
C PRO A 91 -4.83 22.05 7.14
N LYS A 92 -3.83 21.30 6.70
CA LYS A 92 -2.54 21.94 6.35
C LYS A 92 -2.77 23.02 5.31
N LEU A 93 -3.35 22.64 4.19
CA LEU A 93 -3.53 23.61 3.09
C LEU A 93 -4.64 24.63 3.45
N ALA A 94 -5.71 24.14 4.07
CA ALA A 94 -6.81 25.08 4.38
C ALA A 94 -6.27 26.21 5.25
N SER A 95 -5.38 25.87 6.18
CA SER A 95 -4.86 26.86 7.16
C SER A 95 -4.06 27.93 6.45
N HIS A 96 -3.64 27.63 5.22
CA HIS A 96 -2.84 28.60 4.44
C HIS A 96 -3.74 29.39 3.47
N GLY A 97 -5.05 29.16 3.53
CA GLY A 97 -5.94 29.99 2.71
C GLY A 97 -6.45 29.26 1.50
N PHE A 98 -6.91 28.05 1.76
CA PHE A 98 -7.53 27.27 0.69
C PHE A 98 -8.73 26.51 1.22
N VAL A 99 -9.66 26.25 0.30
CA VAL A 99 -10.76 25.35 0.66
C VAL A 99 -10.27 23.99 0.16
N VAL A 100 -10.11 23.08 1.09
CA VAL A 100 -9.49 21.79 0.72
C VAL A 100 -10.45 20.68 1.11
N MET A 101 -10.87 19.93 0.12
CA MET A 101 -11.74 18.78 0.43
C MET A 101 -10.92 17.50 0.29
N THR A 102 -10.74 16.84 1.42
CA THR A 102 -10.08 15.54 1.42
C THR A 102 -11.21 14.55 1.21
N ILE A 103 -11.01 13.64 0.28
CA ILE A 103 -12.18 12.80 0.00
C ILE A 103 -11.89 11.32 0.03
N GLY A 104 -12.96 10.55 0.04
CA GLY A 104 -12.83 9.12 -0.17
C GLY A 104 -13.32 8.85 -1.58
N THR A 105 -13.07 7.65 -2.06
CA THR A 105 -13.51 7.27 -3.41
C THR A 105 -14.74 6.39 -3.30
N ASN A 106 -15.41 6.20 -4.42
CA ASN A 106 -16.62 5.35 -4.44
C ASN A 106 -16.21 3.98 -3.93
N SER A 107 -15.13 3.44 -4.49
CA SER A 107 -14.63 2.11 -4.07
C SER A 107 -13.13 2.22 -3.80
N GLY A 108 -12.62 1.42 -2.86
CA GLY A 108 -11.17 1.38 -2.69
C GLY A 108 -10.55 0.81 -3.94
N PHE A 109 -11.38 0.12 -4.74
CA PHE A 109 -10.86 -0.56 -5.94
C PHE A 109 -10.75 0.40 -7.12
N ASP A 110 -11.19 1.63 -6.91
CA ASP A 110 -11.19 2.59 -8.04
C ASP A 110 -9.78 2.74 -8.59
N GLN A 111 -9.69 2.67 -9.89
CA GLN A 111 -8.39 2.81 -10.55
C GLN A 111 -8.15 4.29 -10.88
N PRO A 112 -6.92 4.63 -11.30
CA PRO A 112 -6.60 6.04 -11.55
C PRO A 112 -7.62 6.77 -12.42
N ALA A 113 -8.10 6.17 -13.51
CA ALA A 113 -9.07 6.88 -14.35
C ALA A 113 -10.32 7.21 -13.57
N SER A 114 -10.79 6.27 -12.76
CA SER A 114 -11.95 6.51 -11.92
C SER A 114 -11.67 7.58 -10.89
N ARG A 115 -10.47 7.56 -10.32
CA ARG A 115 -10.10 8.57 -9.34
C ARG A 115 -9.97 9.94 -9.98
N ALA A 116 -9.47 9.99 -11.22
CA ALA A 116 -9.50 11.24 -11.96
C ALA A 116 -10.92 11.76 -12.10
N SER A 117 -11.85 10.88 -12.48
CA SER A 117 -13.23 11.31 -12.62
C SER A 117 -13.78 11.80 -11.30
N GLN A 118 -13.45 11.09 -10.23
CA GLN A 118 -13.93 11.48 -8.92
C GLN A 118 -13.29 12.76 -8.44
N LEU A 119 -12.00 12.95 -8.76
CA LEU A 119 -11.38 14.25 -8.52
C LEU A 119 -12.19 15.35 -9.18
N ASN A 120 -12.55 15.12 -10.45
CA ASN A 120 -13.33 16.10 -11.18
C ASN A 120 -14.70 16.28 -10.55
N ASN A 121 -15.31 15.18 -10.13
CA ASN A 121 -16.61 15.27 -9.48
C ASN A 121 -16.49 16.04 -8.19
N ALA A 122 -15.42 15.77 -7.44
CA ALA A 122 -15.19 16.46 -6.17
C ALA A 122 -14.93 17.94 -6.39
N LEU A 123 -14.13 18.28 -7.40
CA LEU A 123 -14.00 19.68 -7.79
C LEU A 123 -15.35 20.27 -8.15
N ASP A 124 -16.09 19.58 -9.02
CA ASP A 124 -17.42 20.04 -9.35
C ASP A 124 -18.25 20.22 -8.10
N TYR A 125 -18.07 19.32 -7.15
CA TYR A 125 -18.85 19.40 -5.93
C TYR A 125 -18.49 20.64 -5.13
N LEU A 126 -17.20 20.96 -5.05
CA LEU A 126 -16.81 22.19 -4.37
C LEU A 126 -17.37 23.41 -5.08
N ILE A 127 -17.37 23.39 -6.42
CA ILE A 127 -17.98 24.47 -7.17
C ILE A 127 -19.46 24.55 -6.85
N GLU A 128 -20.11 23.39 -6.80
CA GLU A 128 -21.52 23.36 -6.41
C GLU A 128 -21.71 23.91 -5.01
N GLN A 129 -20.91 23.42 -4.06
CA GLN A 129 -21.08 23.84 -2.68
C GLN A 129 -20.75 25.31 -2.51
N ASN A 130 -19.85 25.83 -3.34
CA ASN A 130 -19.59 27.25 -3.31
C ASN A 130 -20.85 28.06 -3.58
N GLY A 131 -21.81 27.48 -4.30
CA GLY A 131 -23.03 28.20 -4.57
C GLY A 131 -24.19 27.71 -3.73
N SER A 132 -23.93 26.98 -2.66
CA SER A 132 -24.97 26.37 -1.85
C SER A 132 -25.12 27.11 -0.54
N SER A 133 -26.34 27.58 -0.24
CA SER A 133 -26.54 28.28 1.02
C SER A 133 -26.27 27.38 2.21
N ARG A 134 -26.23 26.07 1.98
CA ARG A 134 -26.02 25.12 3.11
C ARG A 134 -24.54 24.81 3.29
N SER A 135 -23.70 25.39 2.46
CA SER A 135 -22.31 25.06 2.62
C SER A 135 -21.58 26.16 3.37
N PRO A 136 -20.73 25.79 4.33
CA PRO A 136 -19.91 26.81 5.00
C PRO A 136 -18.88 27.43 4.09
N ILE A 137 -18.63 26.89 2.90
CA ILE A 137 -17.72 27.53 1.97
C ILE A 137 -18.47 28.23 0.85
N ASN A 138 -19.79 28.32 0.95
CA ASN A 138 -20.57 29.12 0.03
C ASN A 138 -19.98 30.52 -0.10
N GLY A 139 -19.61 30.87 -1.33
CA GLY A 139 -19.04 32.16 -1.60
C GLY A 139 -17.60 32.30 -1.20
N MET A 140 -16.96 31.21 -0.77
CA MET A 140 -15.56 31.29 -0.38
C MET A 140 -14.63 30.85 -1.48
N ILE A 141 -15.13 30.21 -2.51
CA ILE A 141 -14.29 29.60 -3.52
C ILE A 141 -14.28 30.45 -4.78
N ASP A 142 -13.10 30.75 -5.26
CA ASP A 142 -12.92 31.20 -6.62
C ASP A 142 -12.91 29.94 -7.47
N THR A 143 -14.04 29.62 -8.08
CA THR A 143 -14.18 28.34 -8.75
C THR A 143 -13.32 28.25 -10.00
N ASP A 144 -12.67 29.35 -10.40
CA ASP A 144 -11.71 29.25 -11.48
C ASP A 144 -10.38 28.70 -11.02
N ARG A 145 -10.16 28.59 -9.73
CA ARG A 145 -8.82 28.35 -9.19
C ARG A 145 -8.91 27.04 -8.41
N LEU A 146 -8.51 25.96 -9.08
CA LEU A 146 -8.73 24.61 -8.60
C LEU A 146 -7.42 23.88 -8.59
N GLY A 147 -7.14 23.22 -7.48
CA GLY A 147 -5.95 22.39 -7.36
C GLY A 147 -6.39 20.97 -7.06
N VAL A 148 -5.54 20.02 -7.41
CA VAL A 148 -5.82 18.63 -7.11
C VAL A 148 -4.57 18.01 -6.53
N MET A 149 -4.78 17.12 -5.59
CA MET A 149 -3.72 16.36 -4.98
C MET A 149 -4.22 14.96 -4.82
N GLY A 150 -3.31 14.02 -4.83
CA GLY A 150 -3.82 12.69 -4.71
C GLY A 150 -2.69 11.75 -4.45
N TRP A 151 -2.96 10.74 -3.66
CA TRP A 151 -1.95 9.77 -3.29
C TRP A 151 -2.08 8.54 -4.16
N SER A 152 -0.97 8.10 -4.73
CA SER A 152 -0.86 6.78 -5.36
C SER A 152 -1.81 6.73 -6.55
N MET A 153 -2.72 5.76 -6.62
CA MET A 153 -3.67 5.82 -7.73
C MET A 153 -4.44 7.13 -7.75
N GLY A 154 -4.68 7.72 -6.58
CA GLY A 154 -5.20 9.07 -6.54
C GLY A 154 -4.26 10.08 -7.14
N GLY A 155 -2.95 9.82 -7.05
CA GLY A 155 -1.98 10.66 -7.71
C GLY A 155 -1.97 10.44 -9.21
N GLY A 156 -2.19 9.19 -9.64
CA GLY A 156 -2.47 8.98 -11.05
C GLY A 156 -3.70 9.75 -11.48
N GLY A 157 -4.77 9.65 -10.70
CA GLY A 157 -5.95 10.44 -10.98
C GLY A 157 -5.62 11.92 -11.02
N THR A 158 -4.75 12.38 -10.11
CA THR A 158 -4.38 13.78 -10.06
C THR A 158 -3.67 14.19 -11.33
N LEU A 159 -2.68 13.40 -11.74
CA LEU A 159 -1.99 13.67 -12.98
C LEU A 159 -2.94 13.67 -14.15
N ARG A 160 -3.89 12.74 -14.16
CA ARG A 160 -4.87 12.71 -15.24
C ARG A 160 -5.68 14.00 -15.27
N VAL A 161 -6.15 14.42 -14.10
CA VAL A 161 -6.90 15.67 -14.07
C VAL A 161 -6.02 16.81 -14.53
N ALA A 162 -4.72 16.76 -14.20
CA ALA A 162 -3.79 17.80 -14.62
C ALA A 162 -3.65 17.91 -16.13
N THR A 163 -4.03 16.87 -16.88
CA THR A 163 -4.03 16.98 -18.33
C THR A 163 -5.20 17.78 -18.86
N GLU A 164 -6.20 18.06 -18.04
CA GLU A 164 -7.48 18.45 -18.59
C GLU A 164 -7.64 19.95 -18.81
N GLY A 165 -6.83 20.77 -18.16
CA GLY A 165 -6.91 22.18 -18.41
C GLY A 165 -7.78 22.96 -17.45
N ARG A 166 -8.49 22.28 -16.55
CA ARG A 166 -9.30 23.04 -15.61
C ARG A 166 -8.54 23.40 -14.35
N VAL A 167 -7.80 22.45 -13.79
CA VAL A 167 -7.08 22.73 -12.55
C VAL A 167 -5.86 23.57 -12.88
N SER A 168 -5.43 24.34 -11.88
CA SER A 168 -4.31 25.24 -12.04
C SER A 168 -3.10 24.78 -11.25
N ALA A 169 -3.23 23.69 -10.50
CA ALA A 169 -2.11 23.12 -9.79
C ALA A 169 -2.44 21.67 -9.49
N ALA A 170 -1.42 20.83 -9.54
CA ALA A 170 -1.63 19.43 -9.24
C ALA A 170 -0.46 18.97 -8.40
N ILE A 171 -0.76 18.29 -7.31
CA ILE A 171 0.32 17.70 -6.52
C ILE A 171 0.06 16.21 -6.36
N PRO A 172 0.57 15.39 -7.27
CA PRO A 172 0.53 13.95 -7.07
C PRO A 172 1.46 13.57 -5.93
N LEU A 173 0.95 12.71 -5.05
CA LEU A 173 1.66 12.20 -3.90
C LEU A 173 1.94 10.73 -4.19
N ALA A 174 3.22 10.38 -4.31
CA ALA A 174 3.65 9.03 -4.63
C ALA A 174 2.71 8.45 -5.68
N PRO A 175 2.58 9.12 -6.83
CA PRO A 175 1.54 8.71 -7.78
C PRO A 175 1.77 7.31 -8.30
N TRP A 176 0.66 6.65 -8.55
CA TRP A 176 0.62 5.35 -9.20
C TRP A 176 -0.24 5.51 -10.43
N ASP A 177 0.25 5.04 -11.56
CA ASP A 177 -0.62 4.96 -12.73
C ASP A 177 -0.05 3.92 -13.66
N SER A 178 -0.82 3.60 -14.68
CA SER A 178 -0.51 2.45 -15.52
C SER A 178 0.23 2.83 -16.79
N SER A 179 0.31 4.12 -17.09
CA SER A 179 1.02 4.58 -18.27
C SER A 179 1.40 6.04 -18.05
N SER A 180 2.49 6.45 -18.68
CA SER A 180 2.99 7.80 -18.45
C SER A 180 2.80 8.72 -19.63
N SER A 181 2.63 8.19 -20.85
CA SER A 181 2.58 9.03 -22.04
C SER A 181 1.41 10.02 -21.99
N GLN A 182 0.31 9.62 -21.36
CA GLN A 182 -0.83 10.52 -21.25
C GLN A 182 -0.45 11.81 -20.56
N PHE A 183 0.59 11.78 -19.75
CA PHE A 183 0.96 12.96 -18.98
C PHE A 183 1.80 13.93 -19.78
N ARG A 184 2.15 13.62 -21.03
CA ARG A 184 2.68 14.66 -21.90
C ARG A 184 1.68 15.79 -22.08
N SER A 185 0.41 15.54 -21.79
CA SER A 185 -0.63 16.54 -21.93
C SER A 185 -0.76 17.45 -20.72
N ILE A 186 0.13 17.33 -19.74
CA ILE A 186 0.02 18.14 -18.54
C ILE A 186 0.68 19.49 -18.80
N ASP A 187 -0.15 20.53 -18.88
CA ASP A 187 0.34 21.89 -18.85
C ASP A 187 0.08 22.54 -17.51
N THR A 188 -0.57 21.82 -16.60
CA THR A 188 -0.87 22.29 -15.26
C THR A 188 0.37 22.25 -14.42
N PRO A 189 0.67 23.29 -13.65
CA PRO A 189 1.80 23.21 -12.73
C PRO A 189 1.68 22.02 -11.81
N THR A 190 2.60 21.08 -11.95
CA THR A 190 2.51 19.80 -11.28
C THR A 190 3.75 19.59 -10.44
N LEU A 191 3.53 19.45 -9.15
CA LEU A 191 4.59 19.10 -8.22
C LEU A 191 4.35 17.65 -7.85
N ILE A 192 5.24 16.76 -8.26
CA ILE A 192 5.12 15.37 -7.87
C ILE A 192 5.99 15.16 -6.64
N PHE A 193 5.36 14.76 -5.55
CA PHE A 193 6.10 14.22 -4.43
C PHE A 193 6.29 12.73 -4.70
N ALA A 194 7.54 12.30 -4.70
CA ALA A 194 7.88 10.91 -4.89
C ALA A 194 8.45 10.40 -3.58
N CYS A 195 8.33 9.10 -3.39
CA CYS A 195 8.79 8.48 -2.15
C CYS A 195 9.92 7.57 -2.54
N GLU A 196 11.12 7.90 -2.07
CA GLU A 196 12.33 7.28 -2.63
C GLU A 196 12.23 5.76 -2.63
N ASN A 197 11.83 5.18 -1.51
CA ASN A 197 11.78 3.73 -1.36
C ASN A 197 10.39 3.19 -1.56
N ASP A 198 9.56 3.92 -2.29
CA ASP A 198 8.24 3.44 -2.64
C ASP A 198 8.35 2.10 -3.34
N SER A 199 7.74 1.07 -2.76
CA SER A 199 7.64 -0.22 -3.42
C SER A 199 6.24 -0.50 -3.97
N THR A 200 5.27 0.39 -3.69
CA THR A 200 3.94 0.23 -4.24
C THR A 200 3.81 0.93 -5.59
N ALA A 201 4.28 2.18 -5.64
CA ALA A 201 4.37 2.94 -6.87
C ALA A 201 5.83 3.30 -7.03
N PRO A 202 6.66 2.33 -7.40
CA PRO A 202 8.10 2.57 -7.46
C PRO A 202 8.38 3.82 -8.27
N VAL A 203 9.22 4.69 -7.73
CA VAL A 203 9.56 5.92 -8.41
C VAL A 203 9.99 5.63 -9.85
N ARG A 204 10.80 4.57 -10.02
CA ARG A 204 11.36 4.27 -11.33
C ARG A 204 10.28 4.04 -12.39
N SER A 205 9.12 3.52 -12.00
CA SER A 205 8.07 3.19 -12.95
C SER A 205 6.85 4.08 -12.83
N HIS A 206 6.80 4.93 -11.82
CA HIS A 206 5.66 5.81 -11.68
C HIS A 206 6.11 7.26 -11.61
N ALA A 207 6.45 7.75 -10.42
CA ALA A 207 6.65 9.19 -10.28
C ALA A 207 7.67 9.71 -11.27
N ASP A 208 8.75 8.95 -11.48
CA ASP A 208 9.82 9.43 -12.36
C ASP A 208 9.31 9.53 -13.80
N PRO A 209 8.79 8.46 -14.42
CA PRO A 209 8.29 8.64 -15.80
C PRO A 209 7.12 9.58 -15.91
N PHE A 210 6.26 9.65 -14.90
CA PHE A 210 5.17 10.62 -14.94
C PHE A 210 5.73 12.02 -14.98
N TYR A 211 6.69 12.30 -14.10
CA TYR A 211 7.35 13.59 -14.11
C TYR A 211 8.03 13.85 -15.45
N ASP A 212 8.80 12.87 -15.93
CA ASP A 212 9.50 13.02 -17.21
C ASP A 212 8.55 13.28 -18.36
N ALA A 213 7.35 12.72 -18.30
CA ALA A 213 6.42 12.85 -19.41
C ALA A 213 5.91 14.27 -19.52
N ILE A 214 5.85 14.98 -18.40
CA ILE A 214 5.32 16.34 -18.41
C ILE A 214 6.26 17.23 -19.22
N PRO A 215 5.73 18.04 -20.14
CA PRO A 215 6.60 18.91 -20.93
C PRO A 215 7.43 19.80 -20.03
N ASP A 216 8.65 20.08 -20.47
CA ASP A 216 9.51 20.96 -19.69
C ASP A 216 8.99 22.39 -19.70
N SER A 217 8.07 22.70 -20.63
CA SER A 217 7.41 24.01 -20.64
C SER A 217 6.42 24.13 -19.50
N THR A 218 6.01 23.02 -18.92
CA THR A 218 5.11 23.03 -17.78
C THR A 218 5.90 23.35 -16.52
N ALA A 219 5.33 24.23 -15.70
CA ALA A 219 5.84 24.39 -14.35
C ALA A 219 5.75 23.05 -13.65
N LYS A 220 6.88 22.42 -13.37
CA LYS A 220 6.78 21.14 -12.70
C LYS A 220 7.92 20.98 -11.73
N ALA A 221 7.72 20.05 -10.82
CA ALA A 221 8.72 19.75 -9.83
C ALA A 221 8.57 18.30 -9.46
N PHE A 222 9.69 17.70 -9.14
CA PHE A 222 9.77 16.31 -8.72
C PHE A 222 10.51 16.38 -7.42
N VAL A 223 9.85 16.06 -6.33
CA VAL A 223 10.46 16.11 -5.02
C VAL A 223 10.39 14.71 -4.47
N GLU A 224 11.53 14.04 -4.47
CA GLU A 224 11.60 12.70 -3.93
C GLU A 224 11.99 12.79 -2.47
N LEU A 225 11.17 12.22 -1.62
CA LEU A 225 11.39 12.31 -0.19
C LEU A 225 12.31 11.16 0.23
N ASP A 226 13.41 11.54 0.87
CA ASP A 226 14.47 10.61 1.21
C ASP A 226 13.98 9.48 2.10
N GLY A 227 14.24 8.26 1.66
CA GLY A 227 13.86 7.09 2.43
C GLY A 227 12.38 6.87 2.50
N GLY A 228 11.59 7.62 1.74
CA GLY A 228 10.16 7.59 1.92
C GLY A 228 9.56 6.29 1.42
N GLY A 229 8.69 5.71 2.22
CA GLY A 229 7.83 4.66 1.74
C GLY A 229 6.63 5.26 1.04
N HIS A 230 5.73 4.38 0.62
CA HIS A 230 4.67 4.81 -0.26
C HIS A 230 3.78 5.89 0.36
N THR A 231 3.73 5.99 1.68
CA THR A 231 2.90 7.01 2.31
C THR A 231 3.68 8.28 2.61
N CYS A 232 4.91 8.40 2.12
CA CYS A 232 5.79 9.45 2.61
C CYS A 232 5.27 10.85 2.32
N ALA A 233 4.42 11.02 1.32
CA ALA A 233 3.96 12.34 0.95
C ALA A 233 2.56 12.62 1.46
N ASN A 234 2.03 11.76 2.31
CA ASN A 234 0.65 11.93 2.78
C ASN A 234 0.56 12.84 3.98
N GLY A 235 1.67 13.17 4.62
CA GLY A 235 1.67 13.91 5.85
C GLY A 235 1.29 13.03 7.03
N SER A 236 1.67 13.47 8.23
CA SER A 236 1.23 12.73 9.40
C SER A 236 1.24 13.64 10.61
N SER A 237 0.39 13.31 11.58
CA SER A 237 0.32 14.04 12.84
C SER A 237 0.88 13.16 13.95
N GLY A 238 2.20 13.22 14.13
CA GLY A 238 2.84 12.55 15.25
C GLY A 238 3.63 11.31 14.87
N PHE A 239 2.98 10.35 14.23
CA PHE A 239 3.60 9.08 13.88
C PHE A 239 4.20 9.20 12.47
N GLY A 240 5.52 9.38 12.41
CA GLY A 240 6.21 9.45 11.14
C GLY A 240 6.09 10.77 10.43
N GLY A 241 6.06 11.88 11.16
CA GLY A 241 5.83 13.19 10.57
C GLY A 241 7.06 13.84 9.96
N SER A 242 8.10 13.03 9.72
CA SER A 242 9.41 13.54 9.35
C SER A 242 9.43 14.24 8.00
N TYR A 243 8.39 14.11 7.18
CA TYR A 243 8.36 14.83 5.91
C TYR A 243 7.44 16.03 5.94
N ASN A 244 6.83 16.33 7.08
CA ASN A 244 5.82 17.38 7.09
C ASN A 244 6.40 18.70 6.66
N ASP A 245 7.63 19.00 7.09
CA ASP A 245 8.24 20.28 6.74
C ASP A 245 8.32 20.47 5.24
N VAL A 246 8.90 19.49 4.54
CA VAL A 246 9.05 19.64 3.11
C VAL A 246 7.68 19.60 2.45
N LEU A 247 6.80 18.70 2.90
CA LEU A 247 5.45 18.66 2.34
C LEU A 247 4.75 20.00 2.52
N SER A 248 4.78 20.55 3.73
CA SER A 248 4.17 21.85 3.97
C SER A 248 4.84 22.91 3.15
N ARG A 249 6.17 23.00 3.26
CA ARG A 249 6.89 24.08 2.60
C ARG A 249 6.69 24.03 1.10
N LEU A 250 6.88 22.88 0.49
CA LEU A 250 6.79 22.85 -0.96
C LEU A 250 5.35 22.75 -1.43
N GLY A 251 4.54 21.95 -0.74
CA GLY A 251 3.15 21.78 -1.15
C GLY A 251 2.34 23.05 -0.99
N VAL A 252 2.42 23.68 0.19
CA VAL A 252 1.70 24.93 0.36
C VAL A 252 2.20 25.97 -0.63
N SER A 253 3.51 26.09 -0.80
CA SER A 253 4.04 27.09 -1.73
C SER A 253 3.59 26.79 -3.13
N TRP A 254 3.56 25.52 -3.50
CA TRP A 254 3.10 25.16 -4.84
C TRP A 254 1.69 25.67 -5.05
N MET A 255 0.83 25.46 -4.08
CA MET A 255 -0.56 25.80 -4.24
C MET A 255 -0.72 27.31 -4.23
N LYS A 256 -0.01 27.96 -3.31
CA LYS A 256 0.01 29.40 -3.30
C LYS A 256 0.51 29.95 -4.62
N LEU A 257 1.64 29.42 -5.09
CA LEU A 257 2.22 29.96 -6.30
C LEU A 257 1.29 29.78 -7.48
N HIS A 258 0.71 28.59 -7.61
CA HIS A 258 0.02 28.29 -8.85
C HIS A 258 -1.47 28.47 -8.75
N LEU A 259 -2.05 28.28 -7.57
CA LEU A 259 -3.47 28.56 -7.46
C LEU A 259 -3.71 30.02 -7.17
N ASP A 260 -2.90 30.62 -6.31
CA ASP A 260 -3.07 32.02 -5.98
C ASP A 260 -2.24 32.96 -6.84
N LYS A 261 -1.40 32.42 -7.74
CA LYS A 261 -0.48 33.26 -8.50
C LYS A 261 0.33 34.11 -7.54
N ASP A 262 0.59 33.57 -6.36
CA ASP A 262 1.20 34.31 -5.27
C ASP A 262 2.70 34.18 -5.43
N GLN A 263 3.30 35.17 -6.08
CA GLN A 263 4.73 35.03 -6.36
C GLN A 263 5.56 35.12 -5.11
N ARG A 264 4.97 35.53 -3.99
CA ARG A 264 5.69 35.54 -2.74
C ARG A 264 6.07 34.16 -2.30
N TYR A 265 5.42 33.13 -2.84
CA TYR A 265 5.74 31.77 -2.51
C TYR A 265 6.67 31.13 -3.51
N ASN A 266 6.99 31.86 -4.59
CA ASN A 266 7.84 31.28 -5.61
C ASN A 266 9.18 30.86 -5.03
N GLN A 267 9.74 31.69 -4.14
CA GLN A 267 11.10 31.46 -3.67
C GLN A 267 11.25 30.17 -2.90
N PHE A 268 10.16 29.53 -2.47
CA PHE A 268 10.28 28.28 -1.74
C PHE A 268 10.26 27.09 -2.65
N VAL A 269 9.81 27.26 -3.88
CA VAL A 269 9.80 26.20 -4.85
C VAL A 269 10.88 26.39 -5.92
N CYS A 270 11.24 27.63 -6.24
CA CYS A 270 12.30 27.93 -7.20
C CYS A 270 13.33 28.80 -6.51
N GLY A 271 14.54 28.28 -6.35
CA GLY A 271 15.54 28.98 -5.61
C GLY A 271 16.30 28.04 -4.72
N PRO A 272 15.62 27.41 -3.76
CA PRO A 272 16.33 26.58 -2.77
C PRO A 272 17.04 25.42 -3.44
N ASN A 273 18.14 25.00 -2.80
CA ASN A 273 18.79 23.74 -3.20
C ASN A 273 17.97 22.69 -2.47
N HIS A 274 16.93 22.23 -3.14
CA HIS A 274 16.02 21.30 -2.50
C HIS A 274 16.73 20.05 -2.03
N GLU A 275 17.67 19.55 -2.82
CA GLU A 275 18.32 18.31 -2.45
C GLU A 275 19.21 18.46 -1.25
N SER A 276 19.61 19.68 -0.91
CA SER A 276 20.33 19.87 0.35
C SER A 276 19.42 19.66 1.54
N ASP A 277 18.09 19.68 1.36
CA ASP A 277 17.19 19.27 2.43
C ASP A 277 17.41 17.80 2.72
N ARG A 278 17.60 17.48 4.00
CA ARG A 278 17.87 16.12 4.40
C ARG A 278 16.69 15.20 4.12
N SER A 279 15.50 15.75 3.92
CA SER A 279 14.32 14.95 3.60
C SER A 279 14.13 14.76 2.10
N ILE A 280 14.90 15.44 1.26
CA ILE A 280 14.72 15.40 -0.18
C ILE A 280 15.90 14.65 -0.75
N SER A 281 15.65 13.43 -1.22
CA SER A 281 16.73 12.66 -1.85
C SER A 281 16.96 13.07 -3.30
N GLU A 282 15.92 13.55 -3.98
CA GLU A 282 16.10 14.02 -5.34
C GLU A 282 15.09 15.10 -5.64
N TYR A 283 15.56 16.13 -6.33
CA TYR A 283 14.71 17.19 -6.80
C TYR A 283 14.96 17.39 -8.28
N ARG A 284 13.88 17.53 -9.03
CA ARG A 284 13.94 18.02 -10.39
C ARG A 284 12.86 19.07 -10.55
N GLY A 285 13.06 19.97 -11.49
CA GLY A 285 12.03 20.96 -11.68
C GLY A 285 12.33 21.77 -12.91
N THR A 286 11.35 22.56 -13.32
CA THR A 286 11.50 23.38 -14.49
C THR A 286 11.55 24.86 -14.13
N CYS A 287 12.08 25.16 -12.95
CA CYS A 287 12.29 26.55 -12.57
C CYS A 287 13.13 27.25 -13.62
N PRO A 288 12.86 28.53 -13.92
CA PRO A 288 11.77 29.31 -13.31
C PRO A 288 10.42 29.02 -13.96
N TYR A 289 9.35 29.37 -13.27
CA TYR A 289 8.01 29.15 -13.80
C TYR A 289 7.44 30.40 -14.46
N ASP B 20 3.38 -39.20 12.18
CA ASP B 20 2.70 -40.47 11.84
C ASP B 20 2.61 -40.55 10.33
N CYS B 21 2.56 -39.40 9.66
CA CYS B 21 2.29 -39.39 8.20
C CYS B 21 3.59 -39.57 7.39
N GLY B 22 4.74 -39.42 8.02
CA GLY B 22 6.02 -39.69 7.34
C GLY B 22 6.48 -38.57 6.43
N TYR B 23 5.93 -37.37 6.63
CA TYR B 23 6.28 -36.22 5.77
C TYR B 23 7.40 -35.40 6.39
N GLU B 24 7.81 -35.78 7.59
CA GLU B 24 8.84 -35.00 8.30
C GLU B 24 10.12 -34.96 7.49
N ARG B 25 10.69 -33.78 7.43
CA ARG B 25 11.94 -33.63 6.70
C ARG B 25 12.87 -32.78 7.53
N GLY B 26 14.14 -33.10 7.41
CA GLY B 26 15.12 -32.25 8.01
C GLY B 26 15.29 -32.56 9.48
N PRO B 27 16.20 -31.85 10.11
CA PRO B 27 16.58 -32.19 11.48
C PRO B 27 15.50 -31.77 12.45
N ASP B 28 15.55 -32.39 13.62
CA ASP B 28 14.73 -31.91 14.71
C ASP B 28 14.99 -30.42 14.89
N PRO B 29 13.99 -29.57 14.77
CA PRO B 29 14.25 -28.14 14.65
C PRO B 29 14.58 -27.50 15.98
N SER B 30 15.02 -26.27 15.84
CA SER B 30 15.47 -25.40 16.91
C SER B 30 15.09 -23.99 16.48
N VAL B 31 14.93 -23.11 17.46
CA VAL B 31 14.72 -21.70 17.12
C VAL B 31 15.81 -21.23 16.19
N SER B 32 17.06 -21.62 16.47
CA SER B 32 18.19 -21.19 15.66
C SER B 32 18.04 -21.64 14.22
N LEU B 33 17.59 -22.87 14.04
CA LEU B 33 17.35 -23.36 12.67
C LEU B 33 16.26 -22.50 12.04
N LEU B 34 15.19 -22.24 12.81
CA LEU B 34 14.06 -21.54 12.23
C LEU B 34 14.41 -20.11 11.86
N GLU B 35 15.28 -19.48 12.63
CA GLU B 35 15.61 -18.09 12.44
C GLU B 35 16.86 -17.91 11.60
N ALA B 36 17.47 -19.00 11.16
CA ALA B 36 18.60 -18.90 10.26
C ALA B 36 18.19 -18.20 8.97
N SER B 37 19.18 -17.60 8.30
CA SER B 37 18.88 -16.89 7.05
C SER B 37 18.19 -17.81 6.07
N THR B 38 18.62 -19.07 6.03
CA THR B 38 17.98 -20.06 5.18
C THR B 38 17.82 -21.33 5.98
N GLY B 39 16.91 -22.17 5.50
CA GLY B 39 16.67 -23.46 6.10
C GLY B 39 17.77 -24.42 5.71
N PRO B 40 17.59 -25.69 6.07
CA PRO B 40 18.66 -26.69 5.88
C PRO B 40 18.94 -27.01 4.43
N PHE B 41 18.11 -26.55 3.51
CA PHE B 41 18.23 -26.98 2.13
C PHE B 41 18.60 -25.84 1.21
N SER B 42 19.50 -26.13 0.29
CA SER B 42 19.82 -25.20 -0.77
C SER B 42 18.60 -25.05 -1.66
N VAL B 43 18.44 -23.86 -2.22
CA VAL B 43 17.25 -23.60 -2.99
C VAL B 43 17.64 -23.20 -4.39
N ARG B 44 16.77 -23.56 -5.30
CA ARG B 44 16.94 -23.14 -6.69
C ARG B 44 15.62 -22.50 -7.08
N THR B 45 15.62 -21.84 -8.21
CA THR B 45 14.41 -21.16 -8.65
C THR B 45 14.14 -21.58 -10.07
N SER B 46 12.86 -21.61 -10.40
CA SER B 46 12.46 -21.94 -11.75
C SER B 46 11.41 -20.92 -12.16
N ASN B 47 11.58 -20.34 -13.34
CA ASN B 47 10.73 -19.23 -13.71
C ASN B 47 9.38 -19.76 -14.17
N VAL B 48 8.34 -18.99 -13.86
CA VAL B 48 7.04 -19.21 -14.43
C VAL B 48 6.70 -17.92 -15.15
N SER B 49 6.66 -17.99 -16.47
CA SER B 49 6.34 -16.83 -17.26
C SER B 49 4.98 -16.29 -16.90
N SER B 50 4.80 -14.98 -17.04
CA SER B 50 3.48 -14.45 -16.81
C SER B 50 2.49 -14.96 -17.85
N SER B 51 2.95 -15.60 -18.92
CA SER B 51 2.02 -16.24 -19.85
C SER B 51 1.30 -17.42 -19.21
N VAL B 52 1.72 -17.84 -18.02
CA VAL B 52 1.05 -18.96 -17.37
C VAL B 52 -0.43 -18.66 -17.23
N ARG B 53 -1.24 -19.68 -17.46
CA ARG B 53 -2.67 -19.50 -17.33
C ARG B 53 -3.03 -19.35 -15.87
N GLY B 54 -3.90 -18.41 -15.59
CA GLY B 54 -4.57 -18.37 -14.32
C GLY B 54 -3.89 -17.52 -13.27
N PHE B 55 -2.71 -16.98 -13.55
CA PHE B 55 -2.08 -16.03 -12.65
C PHE B 55 -0.97 -15.35 -13.46
N GLY B 56 -0.19 -14.53 -12.77
CA GLY B 56 0.67 -13.60 -13.48
C GLY B 56 2.11 -14.06 -13.52
N GLY B 57 2.31 -15.37 -13.46
CA GLY B 57 3.65 -15.90 -13.45
C GLY B 57 4.21 -15.90 -12.05
N GLY B 58 5.46 -16.29 -11.96
CA GLY B 58 6.07 -16.33 -10.65
C GLY B 58 7.37 -17.10 -10.68
N THR B 59 7.79 -17.48 -9.50
CA THR B 59 9.06 -18.15 -9.32
C THR B 59 8.80 -19.37 -8.48
N ILE B 60 9.14 -20.53 -8.99
CA ILE B 60 9.08 -21.73 -8.17
C ILE B 60 10.40 -21.84 -7.44
N HIS B 61 10.33 -21.85 -6.11
CA HIS B 61 11.48 -22.04 -5.26
C HIS B 61 11.43 -23.47 -4.76
N TYR B 62 12.54 -24.17 -4.89
CA TYR B 62 12.47 -25.54 -4.42
C TYR B 62 13.82 -25.90 -3.86
N PRO B 63 13.87 -26.81 -2.89
CA PRO B 63 15.14 -27.24 -2.34
C PRO B 63 15.75 -28.29 -3.23
N THR B 64 17.08 -28.27 -3.29
CA THR B 64 17.79 -29.11 -4.25
C THR B 64 18.42 -30.34 -3.61
N ASN B 65 18.58 -30.37 -2.30
CA ASN B 65 19.25 -31.48 -1.64
C ASN B 65 18.33 -32.14 -0.62
N THR B 66 17.05 -32.19 -0.93
CA THR B 66 16.11 -32.96 -0.14
C THR B 66 15.82 -34.30 -0.80
N THR B 67 15.23 -35.19 -0.02
CA THR B 67 14.66 -36.40 -0.56
C THR B 67 13.17 -36.39 -0.26
N GLY B 68 12.45 -37.17 -1.04
CA GLY B 68 11.03 -37.36 -0.81
C GLY B 68 10.23 -36.19 -1.35
N THR B 69 8.93 -36.36 -1.28
CA THR B 69 8.08 -35.30 -1.76
C THR B 69 7.77 -34.33 -0.64
N MET B 70 7.23 -33.19 -1.03
CA MET B 70 7.13 -32.10 -0.08
C MET B 70 5.90 -31.30 -0.44
N ALA B 71 5.39 -30.58 0.55
CA ALA B 71 4.22 -29.77 0.32
C ALA B 71 4.55 -28.62 -0.61
N ALA B 72 3.53 -28.11 -1.27
CA ALA B 72 3.67 -26.97 -2.16
C ALA B 72 2.97 -25.78 -1.55
N ILE B 73 3.57 -24.61 -1.71
CA ILE B 73 3.04 -23.38 -1.16
C ILE B 73 3.04 -22.35 -2.26
N VAL B 74 1.96 -21.60 -2.37
CA VAL B 74 1.91 -20.47 -3.27
C VAL B 74 1.80 -19.23 -2.42
N VAL B 75 2.61 -18.23 -2.76
CA VAL B 75 2.61 -16.96 -2.05
C VAL B 75 2.18 -15.90 -3.04
N ILE B 76 1.10 -15.22 -2.70
CA ILE B 76 0.51 -14.26 -3.66
C ILE B 76 0.56 -12.85 -3.08
N PRO B 77 0.85 -11.86 -3.94
CA PRO B 77 0.89 -10.49 -3.49
C PRO B 77 -0.47 -9.80 -3.36
N GLY B 78 -0.42 -8.55 -2.89
CA GLY B 78 -1.63 -7.74 -2.71
C GLY B 78 -1.87 -6.81 -3.87
N PHE B 79 -2.67 -5.80 -3.63
CA PHE B 79 -3.08 -4.94 -4.75
C PHE B 79 -1.90 -4.27 -5.46
N VAL B 80 -1.97 -4.24 -6.79
CA VAL B 80 -0.93 -3.59 -7.65
C VAL B 80 0.47 -3.89 -7.12
N SER B 81 0.62 -5.06 -6.51
CA SER B 81 1.93 -5.42 -5.99
C SER B 81 2.49 -6.59 -6.80
N PRO B 82 3.78 -6.53 -7.18
CA PRO B 82 4.36 -7.60 -7.93
C PRO B 82 4.78 -8.73 -6.98
N GLU B 83 5.20 -9.84 -7.58
CA GLU B 83 5.66 -10.98 -6.79
C GLU B 83 6.75 -10.51 -5.82
N SER B 84 7.58 -9.58 -6.29
CA SER B 84 8.73 -9.12 -5.48
C SER B 84 8.28 -8.80 -4.06
N SER B 85 7.05 -8.35 -3.92
CA SER B 85 6.57 -7.87 -2.61
C SER B 85 6.58 -9.00 -1.59
N ILE B 86 6.41 -10.23 -2.07
CA ILE B 86 6.29 -11.37 -1.12
C ILE B 86 7.37 -12.41 -1.41
N ALA B 87 8.31 -12.07 -2.28
CA ALA B 87 9.28 -13.08 -2.76
C ALA B 87 10.16 -13.63 -1.65
N TRP B 88 10.32 -12.85 -0.59
CA TRP B 88 11.21 -13.29 0.52
C TRP B 88 10.76 -14.67 0.98
N TRP B 89 9.47 -14.92 0.92
CA TRP B 89 8.92 -16.18 1.47
C TRP B 89 9.31 -17.39 0.63
N GLY B 90 9.66 -17.16 -0.63
CA GLY B 90 9.94 -18.31 -1.50
C GLY B 90 11.17 -19.07 -1.01
N PRO B 91 12.34 -18.43 -1.07
CA PRO B 91 13.56 -19.07 -0.63
C PRO B 91 13.47 -19.46 0.85
N LYS B 92 12.86 -18.57 1.64
CA LYS B 92 12.75 -18.84 3.09
C LYS B 92 12.07 -20.19 3.29
N LEU B 93 10.86 -20.33 2.76
CA LEU B 93 10.13 -21.58 3.00
C LEU B 93 10.75 -22.75 2.21
N ALA B 94 11.14 -22.50 0.97
CA ALA B 94 11.71 -23.58 0.16
C ALA B 94 12.90 -24.19 0.91
N SER B 95 13.70 -23.31 1.51
CA SER B 95 14.94 -23.75 2.19
C SER B 95 14.63 -24.72 3.33
N HIS B 96 13.38 -24.67 3.78
CA HIS B 96 12.97 -25.55 4.91
C HIS B 96 12.27 -26.81 4.40
N GLY B 97 12.23 -26.97 3.07
CA GLY B 97 11.69 -28.23 2.56
C GLY B 97 10.31 -28.07 2.02
N PHE B 98 10.15 -27.04 1.21
CA PHE B 98 8.87 -26.86 0.53
C PHE B 98 9.10 -26.37 -0.89
N VAL B 99 8.14 -26.69 -1.75
CA VAL B 99 8.16 -26.12 -3.11
C VAL B 99 7.29 -24.87 -2.94
N VAL B 100 7.90 -23.74 -3.19
CA VAL B 100 7.18 -22.47 -2.91
C VAL B 100 7.16 -21.64 -4.18
N MET B 101 5.96 -21.42 -4.67
CA MET B 101 5.87 -20.54 -5.85
C MET B 101 5.37 -19.17 -5.41
N THR B 102 6.25 -18.20 -5.57
CA THR B 102 5.85 -16.81 -5.31
C THR B 102 5.33 -16.33 -6.64
N ILE B 103 4.18 -15.70 -6.61
CA ILE B 103 3.61 -15.39 -7.92
C ILE B 103 3.21 -13.93 -8.07
N GLY B 104 2.93 -13.59 -9.30
CA GLY B 104 2.30 -12.30 -9.55
C GLY B 104 0.87 -12.61 -9.94
N THR B 105 0.04 -11.58 -9.98
CA THR B 105 -1.36 -11.75 -10.36
C THR B 105 -1.57 -11.29 -11.80
N ASN B 106 -2.69 -11.68 -12.35
CA ASN B 106 -3.02 -11.28 -13.73
C ASN B 106 -2.95 -9.75 -13.81
N SER B 107 -3.60 -9.09 -12.86
CA SER B 107 -3.60 -7.62 -12.81
C SER B 107 -3.29 -7.17 -11.39
N GLY B 108 -2.59 -6.05 -11.24
CA GLY B 108 -2.40 -5.49 -9.90
C GLY B 108 -3.75 -5.13 -9.33
N PHE B 109 -4.73 -4.96 -10.21
CA PHE B 109 -6.07 -4.52 -9.78
C PHE B 109 -6.89 -5.69 -9.25
N ASP B 110 -6.33 -6.87 -9.34
CA ASP B 110 -7.11 -8.05 -8.93
C ASP B 110 -7.56 -7.91 -7.48
N GLN B 111 -8.82 -8.21 -7.27
CA GLN B 111 -9.38 -8.13 -5.90
C GLN B 111 -9.22 -9.48 -5.21
N PRO B 112 -9.51 -9.56 -3.92
CA PRO B 112 -9.29 -10.81 -3.18
C PRO B 112 -9.91 -12.04 -3.83
N ALA B 113 -11.15 -11.96 -4.34
CA ALA B 113 -11.76 -13.14 -4.95
C ALA B 113 -10.96 -13.60 -6.14
N SER B 114 -10.50 -12.66 -6.96
CA SER B 114 -9.65 -13.02 -8.08
C SER B 114 -8.33 -13.60 -7.62
N ARG B 115 -7.77 -13.03 -6.56
CA ARG B 115 -6.51 -13.56 -6.03
C ARG B 115 -6.71 -14.94 -5.46
N ALA B 116 -7.86 -15.20 -4.83
CA ALA B 116 -8.16 -16.55 -4.39
C ALA B 116 -8.17 -17.51 -5.58
N SER B 117 -8.83 -17.10 -6.66
CA SER B 117 -8.88 -17.95 -7.85
C SER B 117 -7.49 -18.17 -8.39
N GLN B 118 -6.68 -17.12 -8.39
CA GLN B 118 -5.33 -17.25 -8.91
C GLN B 118 -4.46 -18.08 -7.98
N LEU B 119 -4.66 -17.94 -6.68
CA LEU B 119 -4.02 -18.88 -5.75
C LEU B 119 -4.35 -20.30 -6.11
N ASN B 120 -5.63 -20.58 -6.33
CA ASN B 120 -6.04 -21.92 -6.72
C ASN B 120 -5.41 -22.31 -8.05
N ASN B 121 -5.37 -21.38 -9.00
CA ASN B 121 -4.77 -21.68 -10.28
C ASN B 121 -3.30 -21.97 -10.13
N ALA B 122 -2.65 -21.20 -9.27
CA ALA B 122 -1.22 -21.38 -9.02
C ALA B 122 -0.97 -22.71 -8.31
N LEU B 123 -1.80 -23.06 -7.33
CA LEU B 123 -1.73 -24.41 -6.76
C LEU B 123 -1.92 -25.46 -7.84
N ASP B 124 -2.98 -25.32 -8.63
CA ASP B 124 -3.20 -26.24 -9.74
C ASP B 124 -1.96 -26.31 -10.61
N TYR B 125 -1.32 -25.17 -10.80
CA TYR B 125 -0.15 -25.13 -11.66
C TYR B 125 1.00 -25.93 -11.05
N LEU B 126 1.20 -25.81 -9.75
CA LEU B 126 2.25 -26.60 -9.12
C LEU B 126 1.94 -28.09 -9.22
N ILE B 127 0.67 -28.44 -9.05
CA ILE B 127 0.25 -29.82 -9.25
C ILE B 127 0.54 -30.24 -10.68
N GLU B 128 0.20 -29.38 -11.65
CA GLU B 128 0.53 -29.67 -13.03
C GLU B 128 2.02 -29.83 -13.21
N GLN B 129 2.79 -28.88 -12.71
CA GLN B 129 4.23 -28.91 -12.92
C GLN B 129 4.86 -30.09 -12.21
N ASN B 130 4.29 -30.49 -11.09
CA ASN B 130 4.76 -31.70 -10.44
C ASN B 130 4.70 -32.91 -11.36
N GLY B 131 3.80 -32.89 -12.34
CA GLY B 131 3.74 -33.99 -13.26
C GLY B 131 4.34 -33.68 -14.62
N SER B 132 5.14 -32.62 -14.71
CA SER B 132 5.69 -32.16 -15.98
C SER B 132 7.17 -32.50 -16.06
N SER B 133 7.57 -33.24 -17.10
CA SER B 133 8.97 -33.57 -17.25
C SER B 133 9.83 -32.33 -17.42
N ARG B 134 9.24 -31.20 -17.78
CA ARG B 134 10.00 -29.96 -17.94
C ARG B 134 10.11 -29.16 -16.66
N SER B 135 9.56 -29.66 -15.58
CA SER B 135 9.63 -28.88 -14.37
C SER B 135 10.70 -29.42 -13.43
N PRO B 136 11.51 -28.57 -12.83
CA PRO B 136 12.48 -29.06 -11.85
C PRO B 136 11.84 -29.55 -10.58
N ILE B 137 10.55 -29.32 -10.37
CA ILE B 137 9.87 -29.89 -9.21
C ILE B 137 9.00 -31.07 -9.60
N ASN B 138 9.11 -31.53 -10.84
CA ASN B 138 8.46 -32.76 -11.26
C ASN B 138 8.77 -33.90 -10.30
N GLY B 139 7.72 -34.42 -9.68
CA GLY B 139 7.89 -35.50 -8.73
C GLY B 139 8.34 -35.07 -7.36
N MET B 140 8.42 -33.76 -7.11
CA MET B 140 8.87 -33.28 -5.81
C MET B 140 7.71 -32.92 -4.92
N ILE B 141 6.52 -32.78 -5.45
CA ILE B 141 5.39 -32.26 -4.70
C ILE B 141 4.45 -33.40 -4.33
N ASP B 142 4.13 -33.47 -3.04
CA ASP B 142 2.97 -34.21 -2.58
C ASP B 142 1.79 -33.29 -2.82
N THR B 143 1.08 -33.51 -3.92
CA THR B 143 0.06 -32.56 -4.33
C THR B 143 -1.14 -32.56 -3.40
N ASP B 144 -1.17 -33.47 -2.42
CA ASP B 144 -2.20 -33.45 -1.40
C ASP B 144 -1.94 -32.39 -0.35
N ARG B 145 -0.76 -31.81 -0.35
CA ARG B 145 -0.25 -31.09 0.79
C ARG B 145 0.10 -29.69 0.28
N LEU B 146 -0.84 -28.78 0.44
CA LEU B 146 -0.83 -27.49 -0.25
C LEU B 146 -1.00 -26.41 0.78
N GLY B 147 -0.15 -25.39 0.71
CA GLY B 147 -0.24 -24.25 1.60
C GLY B 147 -0.40 -23.00 0.77
N VAL B 148 -1.04 -22.01 1.35
CA VAL B 148 -1.19 -20.75 0.65
C VAL B 148 -0.81 -19.62 1.57
N MET B 149 -0.27 -18.58 0.97
CA MET B 149 0.24 -17.43 1.69
C MET B 149 -0.08 -16.23 0.84
N GLY B 150 -0.32 -15.12 1.47
CA GLY B 150 -0.64 -14.04 0.58
C GLY B 150 -0.69 -12.76 1.34
N TRP B 151 -0.24 -11.70 0.70
CA TRP B 151 -0.16 -10.41 1.33
C TRP B 151 -1.39 -9.59 0.96
N SER B 152 -2.04 -9.01 1.97
CA SER B 152 -3.03 -7.96 1.77
C SER B 152 -4.21 -8.52 0.99
N MET B 153 -4.55 -7.98 -0.16
CA MET B 153 -5.60 -8.59 -0.94
C MET B 153 -5.28 -10.04 -1.28
N GLY B 154 -4.00 -10.34 -1.45
CA GLY B 154 -3.59 -11.72 -1.59
C GLY B 154 -3.82 -12.51 -0.31
N GLY B 155 -3.74 -11.84 0.83
CA GLY B 155 -4.10 -12.50 2.08
C GLY B 155 -5.58 -12.72 2.21
N GLY B 156 -6.38 -11.78 1.71
CA GLY B 156 -7.80 -12.06 1.57
C GLY B 156 -8.03 -13.25 0.66
N GLY B 157 -7.33 -13.27 -0.49
CA GLY B 157 -7.40 -14.43 -1.34
C GLY B 157 -6.97 -15.68 -0.62
N THR B 158 -5.94 -15.58 0.22
CA THR B 158 -5.44 -16.73 0.98
C THR B 158 -6.50 -17.24 1.91
N LEU B 159 -7.11 -16.33 2.68
CA LEU B 159 -8.19 -16.72 3.58
C LEU B 159 -9.33 -17.35 2.82
N ARG B 160 -9.67 -16.79 1.65
CA ARG B 160 -10.72 -17.38 0.84
C ARG B 160 -10.38 -18.80 0.45
N VAL B 161 -9.16 -19.01 -0.04
CA VAL B 161 -8.75 -20.36 -0.40
C VAL B 161 -8.77 -21.25 0.82
N ALA B 162 -8.45 -20.70 2.00
CA ALA B 162 -8.50 -21.48 3.23
C ALA B 162 -9.91 -21.96 3.57
N THR B 163 -10.94 -21.39 2.95
CA THR B 163 -12.29 -21.89 3.18
C THR B 163 -12.60 -23.13 2.36
N GLU B 164 -11.78 -23.48 1.38
CA GLU B 164 -12.26 -24.40 0.36
C GLU B 164 -11.96 -25.85 0.66
N GLY B 165 -11.08 -26.15 1.59
CA GLY B 165 -10.87 -27.53 1.96
C GLY B 165 -9.74 -28.22 1.24
N ARG B 166 -9.08 -27.56 0.30
CA ARG B 166 -7.98 -28.22 -0.38
C ARG B 166 -6.65 -27.95 0.31
N VAL B 167 -6.38 -26.70 0.65
CA VAL B 167 -5.11 -26.38 1.27
C VAL B 167 -5.12 -26.88 2.71
N SER B 168 -3.93 -27.18 3.21
CA SER B 168 -3.79 -27.69 4.56
C SER B 168 -3.15 -26.67 5.48
N ALA B 169 -2.79 -25.51 4.96
CA ALA B 169 -2.27 -24.43 5.79
C ALA B 169 -2.44 -23.14 5.03
N ALA B 170 -2.67 -22.07 5.76
CA ALA B 170 -2.82 -20.79 5.11
C ALA B 170 -2.13 -19.77 6.00
N ILE B 171 -1.33 -18.91 5.38
CA ILE B 171 -0.73 -17.82 6.13
C ILE B 171 -1.04 -16.51 5.43
N PRO B 172 -2.15 -15.87 5.78
CA PRO B 172 -2.40 -14.51 5.30
C PRO B 172 -1.41 -13.56 5.95
N LEU B 173 -0.86 -12.69 5.13
CA LEU B 173 0.09 -11.67 5.53
C LEU B 173 -0.62 -10.33 5.42
N ALA B 174 -0.81 -9.65 6.54
CA ALA B 174 -1.52 -8.38 6.60
C ALA B 174 -2.75 -8.46 5.68
N PRO B 175 -3.63 -9.44 5.89
CA PRO B 175 -4.69 -9.68 4.91
C PRO B 175 -5.60 -8.48 4.78
N TRP B 176 -6.08 -8.29 3.57
CA TRP B 176 -7.08 -7.30 3.24
C TRP B 176 -8.22 -8.05 2.60
N ASP B 177 -9.43 -7.83 3.08
CA ASP B 177 -10.58 -8.35 2.36
C ASP B 177 -11.77 -7.49 2.71
N SER B 178 -12.87 -7.76 2.03
CA SER B 178 -14.00 -6.86 2.08
C SER B 178 -15.08 -7.32 3.05
N SER B 179 -14.99 -8.57 3.52
CA SER B 179 -15.92 -9.06 4.53
C SER B 179 -15.24 -10.20 5.27
N SER B 180 -15.72 -10.45 6.48
CA SER B 180 -15.09 -11.44 7.33
C SER B 180 -15.92 -12.69 7.56
N SER B 181 -17.25 -12.63 7.43
CA SER B 181 -18.07 -13.79 7.78
C SER B 181 -17.79 -14.99 6.88
N GLN B 182 -17.38 -14.75 5.63
CA GLN B 182 -16.99 -15.85 4.77
C GLN B 182 -15.93 -16.72 5.41
N PHE B 183 -15.14 -16.15 6.31
CA PHE B 183 -14.03 -16.90 6.89
C PHE B 183 -14.45 -17.76 8.07
N ARG B 184 -15.73 -17.76 8.43
CA ARG B 184 -16.22 -18.77 9.35
C ARG B 184 -16.10 -20.17 8.75
N SER B 185 -15.95 -20.25 7.44
CA SER B 185 -15.78 -21.52 6.76
C SER B 185 -14.34 -21.99 6.73
N ILE B 186 -13.43 -21.30 7.42
CA ILE B 186 -12.04 -21.73 7.41
C ILE B 186 -11.85 -22.82 8.45
N ASP B 187 -11.65 -24.05 7.97
CA ASP B 187 -11.17 -25.14 8.81
C ASP B 187 -9.68 -25.38 8.60
N THR B 188 -9.08 -24.70 7.63
CA THR B 188 -7.65 -24.83 7.35
C THR B 188 -6.84 -24.17 8.45
N PRO B 189 -5.79 -24.82 8.93
CA PRO B 189 -4.89 -24.13 9.86
C PRO B 189 -4.38 -22.84 9.28
N THR B 190 -4.74 -21.74 9.94
CA THR B 190 -4.53 -20.42 9.39
C THR B 190 -3.76 -19.59 10.41
N LEU B 191 -2.58 -19.15 10.00
CA LEU B 191 -1.79 -18.25 10.80
C LEU B 191 -1.87 -16.90 10.10
N ILE B 192 -2.51 -15.93 10.75
CA ILE B 192 -2.57 -14.59 10.19
C ILE B 192 -1.46 -13.78 10.80
N PHE B 193 -0.54 -13.31 9.96
CA PHE B 193 0.35 -12.25 10.39
C PHE B 193 -0.36 -10.94 10.16
N ALA B 194 -0.51 -10.19 11.24
CA ALA B 194 -1.07 -8.86 11.20
C ALA B 194 0.03 -7.86 11.44
N CYS B 195 -0.16 -6.66 10.94
CA CYS B 195 0.84 -5.61 11.05
C CYS B 195 0.21 -4.55 11.92
N GLU B 196 0.79 -4.33 13.10
CA GLU B 196 0.12 -3.55 14.14
C GLU B 196 -0.38 -2.22 13.60
N ASN B 197 0.49 -1.49 12.92
CA ASN B 197 0.19 -0.16 12.43
C ASN B 197 -0.20 -0.16 10.97
N ASP B 198 -0.69 -1.29 10.49
CA ASP B 198 -1.22 -1.37 9.14
C ASP B 198 -2.29 -0.31 8.93
N SER B 199 -2.06 0.57 7.96
CA SER B 199 -3.05 1.57 7.59
C SER B 199 -3.74 1.24 6.28
N THR B 200 -3.25 0.24 5.56
CA THR B 200 -3.88 -0.18 4.31
C THR B 200 -4.94 -1.24 4.57
N ALA B 201 -4.58 -2.23 5.37
CA ALA B 201 -5.50 -3.27 5.82
C ALA B 201 -5.49 -3.20 7.34
N PRO B 202 -6.10 -2.16 7.90
CA PRO B 202 -6.03 -1.95 9.35
C PRO B 202 -6.44 -3.23 10.07
N VAL B 203 -5.64 -3.63 11.04
CA VAL B 203 -5.92 -4.84 11.79
C VAL B 203 -7.35 -4.84 12.28
N ARG B 204 -7.83 -3.70 12.79
CA ARG B 204 -9.15 -3.61 13.38
C ARG B 204 -10.25 -4.03 12.40
N SER B 205 -10.08 -3.79 11.11
CA SER B 205 -11.12 -4.08 10.14
C SER B 205 -10.79 -5.23 9.23
N HIS B 206 -9.57 -5.77 9.32
CA HIS B 206 -9.18 -6.87 8.46
C HIS B 206 -8.65 -8.02 9.30
N ALA B 207 -7.35 -8.02 9.61
CA ALA B 207 -6.75 -9.21 10.21
C ALA B 207 -7.51 -9.64 11.46
N ASP B 208 -7.90 -8.68 12.30
CA ASP B 208 -8.65 -9.01 13.51
C ASP B 208 -9.98 -9.69 13.20
N PRO B 209 -10.93 -9.07 12.49
CA PRO B 209 -12.18 -9.80 12.22
C PRO B 209 -12.00 -11.04 11.38
N PHE B 210 -11.03 -11.06 10.47
CA PHE B 210 -10.79 -12.30 9.73
C PHE B 210 -10.39 -13.41 10.68
N TYR B 211 -9.42 -13.12 11.55
CA TYR B 211 -9.01 -14.09 12.55
C TYR B 211 -10.19 -14.51 13.42
N ASP B 212 -10.91 -13.53 13.96
CA ASP B 212 -12.05 -13.81 14.82
C ASP B 212 -13.11 -14.65 14.11
N ALA B 213 -13.26 -14.47 12.81
CA ALA B 213 -14.31 -15.20 12.11
C ALA B 213 -13.99 -16.68 12.03
N ILE B 214 -12.72 -17.03 12.03
CA ILE B 214 -12.33 -18.43 11.90
C ILE B 214 -12.79 -19.19 13.13
N PRO B 215 -13.41 -20.35 12.97
CA PRO B 215 -13.88 -21.09 14.14
C PRO B 215 -12.74 -21.38 15.10
N ASP B 216 -13.06 -21.38 16.39
CA ASP B 216 -12.04 -21.69 17.39
C ASP B 216 -11.60 -23.13 17.31
N SER B 217 -12.37 -23.98 16.63
CA SER B 217 -11.98 -25.36 16.40
C SER B 217 -10.89 -25.46 15.35
N THR B 218 -10.71 -24.41 14.56
CA THR B 218 -9.65 -24.39 13.58
C THR B 218 -8.33 -24.08 14.24
N ALA B 219 -7.28 -24.81 13.82
CA ALA B 219 -5.95 -24.42 14.23
C ALA B 219 -5.72 -23.03 13.68
N LYS B 220 -5.58 -22.03 14.54
CA LYS B 220 -5.35 -20.71 13.99
C LYS B 220 -4.46 -19.94 14.92
N ALA B 221 -3.86 -18.90 14.35
CA ALA B 221 -3.00 -18.03 15.11
C ALA B 221 -3.12 -16.66 14.51
N PHE B 222 -3.00 -15.68 15.38
CA PHE B 222 -3.01 -14.28 15.00
C PHE B 222 -1.72 -13.73 15.57
N VAL B 223 -0.81 -13.33 14.71
CA VAL B 223 0.46 -12.82 15.16
C VAL B 223 0.57 -11.41 14.64
N GLU B 224 0.40 -10.45 15.52
CA GLU B 224 0.50 -9.06 15.14
C GLU B 224 1.92 -8.60 15.37
N LEU B 225 2.54 -8.11 14.31
CA LEU B 225 3.93 -7.71 14.37
C LEU B 225 4.00 -6.28 14.87
N ASP B 226 4.76 -6.11 15.95
CA ASP B 226 4.82 -4.84 16.65
C ASP B 226 5.31 -3.71 15.75
N GLY B 227 4.55 -2.63 15.70
CA GLY B 227 4.92 -1.47 14.91
C GLY B 227 4.87 -1.72 13.43
N GLY B 228 4.33 -2.85 13.00
CA GLY B 228 4.44 -3.22 11.60
C GLY B 228 3.53 -2.37 10.74
N GLY B 229 4.08 -1.83 9.66
CA GLY B 229 3.28 -1.29 8.59
C GLY B 229 2.78 -2.40 7.70
N HIS B 230 2.08 -2.00 6.63
CA HIS B 230 1.36 -2.99 5.83
C HIS B 230 2.26 -4.06 5.24
N THR B 231 3.55 -3.79 5.06
CA THR B 231 4.43 -4.80 4.49
C THR B 231 5.13 -5.63 5.55
N CYS B 232 4.73 -5.50 6.81
CA CYS B 232 5.54 -6.03 7.89
C CYS B 232 5.69 -7.55 7.82
N ALA B 233 4.77 -8.25 7.18
CA ALA B 233 4.82 -9.70 7.17
C ALA B 233 5.33 -10.25 5.86
N ASN B 234 5.88 -9.39 5.01
CA ASN B 234 6.34 -9.83 3.70
C ASN B 234 7.76 -10.35 3.72
N GLY B 235 8.49 -10.10 4.80
CA GLY B 235 9.89 -10.43 4.87
C GLY B 235 10.72 -9.43 4.11
N SER B 236 12.00 -9.37 4.46
CA SER B 236 12.89 -8.53 3.67
C SER B 236 14.29 -9.08 3.74
N SER B 237 15.03 -8.93 2.64
CA SER B 237 16.41 -9.37 2.57
C SER B 237 17.41 -8.23 2.61
N GLY B 238 16.94 -7.00 2.76
CA GLY B 238 17.85 -5.86 2.80
C GLY B 238 17.61 -4.95 3.99
N PHE B 239 16.68 -4.00 3.84
CA PHE B 239 16.31 -3.08 4.89
C PHE B 239 14.91 -3.42 5.39
N GLY B 240 14.69 -3.26 6.70
CA GLY B 240 13.41 -3.59 7.29
C GLY B 240 13.23 -5.05 7.59
N GLY B 241 14.34 -5.79 7.76
CA GLY B 241 14.32 -7.21 8.07
C GLY B 241 13.96 -7.57 9.48
N SER B 242 13.48 -6.58 10.26
CA SER B 242 13.30 -6.73 11.69
C SER B 242 12.24 -7.75 12.07
N TYR B 243 11.39 -8.18 11.15
CA TYR B 243 10.41 -9.20 11.48
C TYR B 243 10.79 -10.57 10.95
N ASN B 244 11.95 -10.69 10.30
CA ASN B 244 12.25 -11.96 9.63
C ASN B 244 12.29 -13.10 10.62
N ASP B 245 12.79 -12.86 11.83
CA ASP B 245 12.88 -13.93 12.81
C ASP B 245 11.51 -14.50 13.11
N VAL B 246 10.56 -13.65 13.47
CA VAL B 246 9.24 -14.15 13.82
C VAL B 246 8.57 -14.74 12.59
N LEU B 247 8.68 -14.07 11.44
CA LEU B 247 8.11 -14.61 10.21
C LEU B 247 8.68 -15.99 9.91
N SER B 248 10.00 -16.12 9.90
CA SER B 248 10.58 -17.44 9.67
C SER B 248 10.15 -18.41 10.75
N ARG B 249 10.31 -18.02 12.01
CA ARG B 249 10.06 -18.97 13.09
C ARG B 249 8.62 -19.42 13.08
N LEU B 250 7.69 -18.49 13.00
CA LEU B 250 6.31 -18.92 13.09
C LEU B 250 5.81 -19.42 11.74
N GLY B 251 6.19 -18.75 10.66
CA GLY B 251 5.72 -19.15 9.34
C GLY B 251 6.23 -20.50 8.92
N VAL B 252 7.55 -20.73 9.04
CA VAL B 252 8.08 -22.03 8.69
C VAL B 252 7.46 -23.10 9.57
N SER B 253 7.38 -22.84 10.87
CA SER B 253 6.83 -23.85 11.79
C SER B 253 5.38 -24.11 11.46
N TRP B 254 4.63 -23.05 11.13
CA TRP B 254 3.24 -23.24 10.74
C TRP B 254 3.14 -24.19 9.56
N MET B 255 3.98 -23.98 8.56
CA MET B 255 3.91 -24.76 7.35
C MET B 255 4.40 -26.17 7.63
N LYS B 256 5.47 -26.29 8.41
CA LYS B 256 5.93 -27.59 8.83
C LYS B 256 4.86 -28.33 9.61
N LEU B 257 4.27 -27.64 10.59
CA LEU B 257 3.30 -28.30 11.44
C LEU B 257 2.11 -28.76 10.64
N HIS B 258 1.58 -27.89 9.78
CA HIS B 258 0.30 -28.19 9.17
C HIS B 258 0.41 -28.79 7.80
N LEU B 259 1.45 -28.45 7.04
CA LEU B 259 1.60 -29.13 5.76
C LEU B 259 2.31 -30.44 5.93
N ASP B 260 3.36 -30.49 6.74
CA ASP B 260 4.11 -31.71 6.94
C ASP B 260 3.60 -32.55 8.10
N LYS B 261 2.60 -32.06 8.84
CA LYS B 261 2.16 -32.75 10.05
C LYS B 261 3.34 -33.00 10.96
N ASP B 262 4.29 -32.08 10.93
CA ASP B 262 5.57 -32.30 11.57
C ASP B 262 5.45 -31.74 12.98
N GLN B 263 5.15 -32.62 13.92
CA GLN B 263 4.89 -32.13 15.26
C GLN B 263 6.14 -31.60 15.94
N ARG B 264 7.30 -31.82 15.34
CA ARG B 264 8.52 -31.28 15.89
C ARG B 264 8.53 -29.76 15.81
N TYR B 265 7.70 -29.18 14.95
CA TYR B 265 7.58 -27.74 14.84
C TYR B 265 6.45 -27.18 15.66
N ASN B 266 5.66 -28.05 16.29
CA ASN B 266 4.54 -27.56 17.06
C ASN B 266 4.99 -26.61 18.14
N GLN B 267 6.10 -26.93 18.81
CA GLN B 267 6.51 -26.17 19.97
C GLN B 267 6.86 -24.72 19.65
N PHE B 268 7.04 -24.37 18.39
CA PHE B 268 7.36 -22.99 18.06
C PHE B 268 6.12 -22.17 17.80
N VAL B 269 4.98 -22.82 17.58
CA VAL B 269 3.73 -22.11 17.40
C VAL B 269 2.79 -22.28 18.60
N CYS B 270 2.88 -23.39 19.33
CA CYS B 270 2.10 -23.61 20.54
C CYS B 270 3.06 -23.89 21.68
N GLY B 271 3.08 -23.00 22.65
CA GLY B 271 4.02 -23.11 23.73
C GLY B 271 4.61 -21.76 24.09
N PRO B 272 5.31 -21.13 23.14
CA PRO B 272 6.01 -19.88 23.46
C PRO B 272 5.03 -18.80 23.89
N ASN B 273 5.51 -17.92 24.75
CA ASN B 273 4.80 -16.68 25.03
C ASN B 273 5.14 -15.75 23.87
N HIS B 274 4.35 -15.85 22.81
CA HIS B 274 4.66 -15.09 21.61
C HIS B 274 4.73 -13.60 21.89
N GLU B 275 3.85 -13.09 22.74
CA GLU B 275 3.83 -11.65 22.95
C GLU B 275 5.07 -11.18 23.69
N SER B 276 5.76 -12.08 24.37
CA SER B 276 7.05 -11.70 24.95
C SER B 276 8.08 -11.41 23.88
N ASP B 277 7.87 -11.89 22.65
CA ASP B 277 8.71 -11.48 21.54
C ASP B 277 8.55 -10.00 21.31
N ARG B 278 9.68 -9.30 21.24
CA ARG B 278 9.65 -7.85 21.06
C ARG B 278 9.00 -7.46 19.74
N SER B 279 8.98 -8.37 18.78
CA SER B 279 8.40 -8.08 17.47
C SER B 279 6.92 -8.42 17.39
N ILE B 280 6.34 -9.02 18.42
CA ILE B 280 4.96 -9.46 18.41
C ILE B 280 4.19 -8.59 19.39
N SER B 281 3.37 -7.69 18.86
CA SER B 281 2.57 -6.84 19.72
C SER B 281 1.33 -7.56 20.23
N GLU B 282 0.81 -8.53 19.48
CA GLU B 282 -0.34 -9.27 19.95
C GLU B 282 -0.31 -10.65 19.34
N TYR B 283 -0.64 -11.63 20.18
CA TYR B 283 -0.77 -13.01 19.73
C TYR B 283 -2.12 -13.53 20.18
N ARG B 284 -2.82 -14.20 19.27
CA ARG B 284 -3.95 -15.03 19.63
C ARG B 284 -3.81 -16.34 18.91
N GLY B 285 -4.42 -17.36 19.46
CA GLY B 285 -4.33 -18.65 18.79
C GLY B 285 -5.24 -19.64 19.46
N THR B 286 -5.41 -20.77 18.80
CA THR B 286 -6.26 -21.80 19.34
C THR B 286 -5.45 -23.02 19.74
N CYS B 287 -4.23 -22.80 20.20
CA CYS B 287 -3.44 -23.89 20.75
C CYS B 287 -4.19 -24.56 21.88
N PRO B 288 -4.08 -25.88 22.04
CA PRO B 288 -3.30 -26.77 21.16
C PRO B 288 -4.04 -27.12 19.89
N TYR B 289 -3.31 -27.54 18.87
CA TYR B 289 -3.91 -27.90 17.61
C TYR B 289 -4.17 -29.40 17.49
#